data_4PNP
#
_entry.id   4PNP
#
_cell.length_a   92.720
_cell.length_b   92.720
_cell.length_c   92.720
_cell.angle_alpha   90.00
_cell.angle_beta   90.00
_cell.angle_gamma   90.00
#
_symmetry.space_group_name_H-M   'P 21 3'
#
loop_
_entity.id
_entity.type
_entity.pdbx_description
1 polymer 'PURINE NUCLEOSIDE PHOSPHORYLASE'
2 non-polymer 'PHOSPHATE ION'
3 water water
#
_entity_poly.entity_id   1
_entity_poly.type   'polypeptide(L)'
_entity_poly.pdbx_seq_one_letter_code
;MANGYTYEDYQDTAKWLLSHTEQRPQVAVICGSGLGGLVNKLTQAQTFDYSEIPNFPESTVPGHAGRLVFGILNGRACVM
MQGRFHMYEGYPFWKVTFPVRVFRLLGVETLVVTNAAGGLNPNFEVGDIMLIRDHINLPGFSGENPLRGPNEERFGVRFP
AMSDAYDRDMRQKAHSTWKQMGEQRELQEGTYVMLGGPNFETVAECRLLRNLGADAVGMSTVPEVIVARHCGLRVFGFSL
ITNKVIMDTESQGKANHEEVLEAGKQAAQKLEQFVSLLMASIPVSGHTG
;
_entity_poly.pdbx_strand_id   A
#
loop_
_chem_comp.id
_chem_comp.type
_chem_comp.name
_chem_comp.formula
PO4 non-polymer 'PHOSPHATE ION' 'O4 P -3'
#
# COMPACT_ATOMS: atom_id res chain seq x y z
N MET A 1 -15.86 -17.11 0.94
CA MET A 1 -15.32 -18.30 0.21
C MET A 1 -13.88 -18.00 -0.19
N ALA A 2 -13.15 -19.02 -0.63
CA ALA A 2 -11.77 -18.86 -1.05
C ALA A 2 -11.82 -18.01 -2.32
N ASN A 3 -10.66 -17.73 -2.91
CA ASN A 3 -10.61 -16.90 -4.11
C ASN A 3 -11.68 -17.29 -5.12
N GLY A 4 -12.52 -16.32 -5.47
CA GLY A 4 -13.58 -16.57 -6.43
C GLY A 4 -13.20 -16.21 -7.86
N TYR A 5 -12.17 -15.39 -8.03
CA TYR A 5 -11.72 -14.99 -9.37
C TYR A 5 -10.92 -16.07 -10.07
N THR A 6 -11.29 -16.34 -11.32
CA THR A 6 -10.56 -17.29 -12.13
C THR A 6 -9.45 -16.48 -12.79
N TYR A 7 -8.50 -17.16 -13.42
CA TYR A 7 -7.41 -16.46 -14.10
C TYR A 7 -8.00 -15.54 -15.15
N GLU A 8 -9.03 -16.04 -15.85
CA GLU A 8 -9.70 -15.29 -16.91
C GLU A 8 -10.32 -13.99 -16.42
N ASP A 9 -10.85 -13.98 -15.20
CA ASP A 9 -11.44 -12.77 -14.65
C ASP A 9 -10.39 -11.66 -14.61
N TYR A 10 -9.19 -12.00 -14.17
CA TYR A 10 -8.11 -11.03 -14.11
C TYR A 10 -7.75 -10.58 -15.53
N GLN A 11 -7.67 -11.55 -16.44
CA GLN A 11 -7.34 -11.29 -17.84
C GLN A 11 -8.31 -10.36 -18.51
N ASP A 12 -9.60 -10.59 -18.28
CA ASP A 12 -10.67 -9.77 -18.86
C ASP A 12 -10.52 -8.32 -18.44
N THR A 13 -10.31 -8.10 -17.15
CA THR A 13 -10.14 -6.76 -16.62
C THR A 13 -8.90 -6.09 -17.21
N ALA A 14 -7.83 -6.86 -17.33
CA ALA A 14 -6.58 -6.34 -17.89
C ALA A 14 -6.76 -5.89 -19.34
N LYS A 15 -7.43 -6.72 -20.15
CA LYS A 15 -7.70 -6.42 -21.55
C LYS A 15 -8.60 -5.21 -21.66
N TRP A 16 -9.59 -5.11 -20.78
CA TRP A 16 -10.50 -3.98 -20.79
C TRP A 16 -9.70 -2.70 -20.60
N LEU A 17 -8.81 -2.71 -19.60
CA LEU A 17 -7.99 -1.55 -19.32
C LEU A 17 -7.08 -1.20 -20.50
N LEU A 18 -6.43 -2.22 -21.06
CA LEU A 18 -5.52 -2.00 -22.19
C LEU A 18 -6.23 -1.41 -23.40
N SER A 19 -7.52 -1.75 -23.57
CA SER A 19 -8.27 -1.24 -24.70
C SER A 19 -8.92 0.12 -24.43
N HIS A 20 -8.76 0.64 -23.23
CA HIS A 20 -9.35 1.94 -22.91
C HIS A 20 -8.33 3.03 -22.65
N THR A 21 -7.06 2.67 -22.68
CA THR A 21 -5.99 3.63 -22.46
C THR A 21 -4.82 3.21 -23.34
N GLU A 22 -4.08 4.17 -23.84
CA GLU A 22 -2.91 3.90 -24.68
C GLU A 22 -1.69 3.76 -23.77
N GLN A 23 -1.82 4.24 -22.54
CA GLN A 23 -0.73 4.18 -21.58
C GLN A 23 -0.41 2.75 -21.19
N ARG A 24 0.86 2.48 -20.97
CA ARG A 24 1.35 1.16 -20.60
C ARG A 24 2.37 1.34 -19.47
N PRO A 25 1.89 1.52 -18.23
CA PRO A 25 2.74 1.72 -17.05
C PRO A 25 3.50 0.46 -16.61
N GLN A 26 4.69 0.65 -16.06
CA GLN A 26 5.46 -0.48 -15.58
C GLN A 26 5.50 -0.40 -14.06
N VAL A 27 4.93 0.69 -13.54
CA VAL A 27 4.87 0.94 -12.11
C VAL A 27 3.42 1.18 -11.69
N ALA A 28 3.04 0.61 -10.55
CA ALA A 28 1.72 0.79 -9.98
C ALA A 28 1.92 1.38 -8.59
N VAL A 29 1.04 2.29 -8.19
CA VAL A 29 1.15 2.92 -6.87
C VAL A 29 -0.21 2.86 -6.19
N ILE A 30 -0.25 2.32 -4.97
CA ILE A 30 -1.50 2.25 -4.22
C ILE A 30 -1.42 3.32 -3.14
N CYS A 31 -2.32 4.31 -3.22
CA CYS A 31 -2.34 5.41 -2.27
C CYS A 31 -3.30 5.11 -1.11
N GLY A 32 -2.78 5.11 0.11
CA GLY A 32 -3.59 4.86 1.29
C GLY A 32 -4.37 6.06 1.79
N SER A 33 -4.81 6.01 3.03
CA SER A 33 -5.59 7.09 3.63
C SER A 33 -4.86 8.44 3.62
N GLY A 34 -5.56 9.46 3.14
CA GLY A 34 -5.01 10.82 3.06
C GLY A 34 -3.84 11.00 2.11
N LEU A 35 -3.64 10.04 1.21
CA LEU A 35 -2.54 10.10 0.27
C LEU A 35 -3.00 10.17 -1.19
N GLY A 36 -4.30 10.41 -1.37
CA GLY A 36 -4.88 10.50 -2.70
C GLY A 36 -4.37 11.66 -3.54
N GLY A 37 -3.65 12.58 -2.91
CA GLY A 37 -3.13 13.73 -3.63
C GLY A 37 -1.97 13.42 -4.56
N LEU A 38 -1.40 12.23 -4.44
CA LEU A 38 -0.27 11.85 -5.27
C LEU A 38 -0.61 11.89 -6.77
N VAL A 39 -1.88 11.66 -7.09
CA VAL A 39 -2.30 11.69 -8.49
C VAL A 39 -2.19 13.09 -9.09
N ASN A 40 -2.21 14.11 -8.24
CA ASN A 40 -2.12 15.52 -8.66
C ASN A 40 -0.90 15.87 -9.51
N LYS A 41 0.19 15.15 -9.31
CA LYS A 41 1.43 15.38 -10.06
C LYS A 41 1.43 14.70 -11.42
N LEU A 42 0.43 13.87 -11.69
CA LEU A 42 0.33 13.14 -12.95
C LEU A 42 -0.06 13.98 -14.15
N THR A 43 0.69 13.84 -15.23
CA THR A 43 0.36 14.55 -16.45
C THR A 43 -0.19 13.49 -17.39
N GLN A 44 -0.97 13.90 -18.38
CA GLN A 44 -1.54 12.98 -19.34
C GLN A 44 -2.36 11.93 -18.56
N ALA A 45 -3.01 12.39 -17.50
CA ALA A 45 -3.81 11.54 -16.63
C ALA A 45 -5.16 11.12 -17.20
N GLN A 46 -5.46 9.83 -17.09
CA GLN A 46 -6.72 9.28 -17.52
C GLN A 46 -7.26 8.55 -16.30
N THR A 47 -8.48 8.89 -15.91
CA THR A 47 -9.11 8.31 -14.74
C THR A 47 -10.27 7.36 -15.03
N PHE A 48 -10.35 6.28 -14.27
CA PHE A 48 -11.42 5.31 -14.38
C PHE A 48 -11.96 5.13 -12.97
N ASP A 49 -13.26 5.24 -12.79
CA ASP A 49 -13.80 5.03 -11.46
C ASP A 49 -13.79 3.52 -11.29
N TYR A 50 -13.53 3.05 -10.07
CA TYR A 50 -13.50 1.60 -9.83
C TYR A 50 -14.77 0.92 -10.34
N SER A 51 -15.90 1.61 -10.24
CA SER A 51 -17.18 1.05 -10.68
C SER A 51 -17.30 0.85 -12.20
N GLU A 52 -16.42 1.49 -12.97
CA GLU A 52 -16.39 1.37 -14.44
C GLU A 52 -15.63 0.11 -14.85
N ILE A 53 -14.60 -0.21 -14.07
CA ILE A 53 -13.73 -1.34 -14.34
C ILE A 53 -14.38 -2.67 -13.98
N PRO A 54 -14.57 -3.55 -14.98
CA PRO A 54 -15.18 -4.84 -14.74
C PRO A 54 -14.42 -5.62 -13.67
N ASN A 55 -15.16 -6.14 -12.70
CA ASN A 55 -14.61 -6.94 -11.59
C ASN A 55 -13.95 -6.18 -10.44
N PHE A 56 -13.77 -4.88 -10.60
CA PHE A 56 -13.14 -4.09 -9.54
C PHE A 56 -14.04 -3.81 -8.32
N PRO A 57 -13.50 -3.98 -7.09
CA PRO A 57 -14.29 -3.72 -5.87
C PRO A 57 -14.46 -2.20 -5.71
N GLU A 58 -15.12 -1.78 -4.62
CA GLU A 58 -15.41 -0.37 -4.38
C GLU A 58 -14.77 0.19 -3.11
N SER A 59 -14.16 1.37 -3.21
CA SER A 59 -13.57 2.01 -2.04
C SER A 59 -14.74 2.63 -1.29
N THR A 60 -14.98 2.21 -0.05
CA THR A 60 -16.06 2.80 0.73
C THR A 60 -15.56 3.73 1.84
N VAL A 61 -14.26 3.66 2.12
CA VAL A 61 -13.67 4.48 3.17
C VAL A 61 -13.37 5.92 2.76
N PRO A 62 -13.71 6.88 3.65
CA PRO A 62 -13.49 8.31 3.39
C PRO A 62 -12.00 8.57 3.19
N GLY A 63 -11.69 9.36 2.17
CA GLY A 63 -10.30 9.67 1.90
C GLY A 63 -9.75 8.69 0.88
N HIS A 64 -10.61 7.82 0.38
CA HIS A 64 -10.23 6.84 -0.63
C HIS A 64 -11.15 7.11 -1.83
N ALA A 65 -10.71 8.00 -2.72
CA ALA A 65 -11.48 8.40 -3.89
C ALA A 65 -12.10 7.27 -4.72
N GLY A 66 -11.41 6.13 -4.81
CA GLY A 66 -11.93 5.02 -5.58
C GLY A 66 -11.78 5.21 -7.08
N ARG A 67 -10.62 5.68 -7.49
CA ARG A 67 -10.34 5.89 -8.91
C ARG A 67 -8.99 5.27 -9.27
N LEU A 68 -8.90 4.72 -10.48
CA LEU A 68 -7.64 4.17 -11.00
C LEU A 68 -7.21 5.24 -11.99
N VAL A 69 -6.04 5.82 -11.76
CA VAL A 69 -5.51 6.87 -12.60
C VAL A 69 -4.21 6.52 -13.34
N PHE A 70 -4.24 6.65 -14.65
CA PHE A 70 -3.07 6.39 -15.49
C PHE A 70 -2.46 7.76 -15.79
N GLY A 71 -1.13 7.84 -15.84
CA GLY A 71 -0.50 9.11 -16.13
C GLY A 71 1.02 9.06 -16.03
N ILE A 72 1.65 10.20 -16.30
CA ILE A 72 3.11 10.29 -16.23
C ILE A 72 3.51 11.00 -14.95
N LEU A 73 4.38 10.37 -14.18
CA LEU A 73 4.87 10.94 -12.94
C LEU A 73 6.38 11.01 -13.07
N ASN A 74 6.91 12.23 -13.14
CA ASN A 74 8.35 12.44 -13.27
C ASN A 74 8.88 11.68 -14.50
N GLY A 75 8.22 11.88 -15.63
CA GLY A 75 8.63 11.22 -16.87
C GLY A 75 8.43 9.72 -16.94
N ARG A 76 7.79 9.15 -15.92
CA ARG A 76 7.55 7.70 -15.87
C ARG A 76 6.05 7.39 -15.88
N ALA A 77 5.64 6.52 -16.81
CA ALA A 77 4.23 6.13 -16.93
C ALA A 77 3.83 5.25 -15.74
N CYS A 78 2.73 5.61 -15.10
CA CYS A 78 2.26 4.89 -13.94
C CYS A 78 0.75 4.76 -13.82
N VAL A 79 0.33 3.81 -13.00
CA VAL A 79 -1.08 3.61 -12.74
C VAL A 79 -1.23 3.70 -11.23
N MET A 80 -2.10 4.57 -10.78
CA MET A 80 -2.31 4.76 -9.36
C MET A 80 -3.68 4.40 -8.87
N MET A 81 -3.72 3.74 -7.71
CA MET A 81 -4.96 3.39 -7.06
C MET A 81 -5.21 4.53 -6.07
N GLN A 82 -6.07 5.47 -6.46
CA GLN A 82 -6.40 6.59 -5.59
C GLN A 82 -7.47 6.01 -4.66
N GLY A 83 -6.97 5.38 -3.60
CA GLY A 83 -7.84 4.72 -2.65
C GLY A 83 -7.64 3.22 -2.81
N ARG A 84 -7.82 2.47 -1.74
CA ARG A 84 -7.67 1.03 -1.77
C ARG A 84 -8.83 0.38 -1.07
N PHE A 85 -8.73 -0.94 -0.91
CA PHE A 85 -9.78 -1.74 -0.25
C PHE A 85 -9.20 -2.33 1.02
N HIS A 86 -10.06 -2.55 2.01
CA HIS A 86 -9.63 -3.09 3.29
C HIS A 86 -10.53 -4.22 3.74
N MET A 87 -9.94 -5.16 4.47
CA MET A 87 -10.67 -6.30 5.01
C MET A 87 -11.84 -5.84 5.89
N TYR A 88 -11.63 -4.79 6.69
CA TYR A 88 -12.68 -4.30 7.57
C TYR A 88 -13.91 -3.78 6.84
N GLU A 89 -13.79 -3.60 5.53
CA GLU A 89 -14.92 -3.13 4.73
C GLU A 89 -15.85 -4.32 4.45
N GLY A 90 -15.37 -5.52 4.75
CA GLY A 90 -16.12 -6.73 4.51
C GLY A 90 -15.58 -7.50 3.32
N TYR A 91 -14.46 -7.02 2.79
CA TYR A 91 -13.81 -7.64 1.63
C TYR A 91 -12.83 -8.73 1.99
N PRO A 92 -12.95 -9.89 1.35
CA PRO A 92 -12.01 -10.97 1.63
C PRO A 92 -10.72 -10.51 0.95
N PHE A 93 -9.56 -11.02 1.37
CA PHE A 93 -8.30 -10.59 0.75
C PHE A 93 -8.20 -10.81 -0.75
N TRP A 94 -8.86 -11.83 -1.30
CA TRP A 94 -8.80 -12.06 -2.73
C TRP A 94 -9.51 -10.97 -3.54
N LYS A 95 -10.35 -10.19 -2.86
CA LYS A 95 -11.02 -9.06 -3.49
C LYS A 95 -10.19 -7.80 -3.25
N VAL A 96 -9.65 -7.69 -2.04
CA VAL A 96 -8.82 -6.54 -1.67
C VAL A 96 -7.59 -6.45 -2.58
N THR A 97 -7.06 -7.61 -2.94
CA THR A 97 -5.86 -7.72 -3.76
C THR A 97 -6.07 -7.90 -5.26
N PHE A 98 -7.33 -7.87 -5.72
CA PHE A 98 -7.65 -8.05 -7.14
C PHE A 98 -6.84 -7.20 -8.10
N PRO A 99 -6.72 -5.88 -7.82
CA PRO A 99 -5.97 -4.99 -8.71
C PRO A 99 -4.49 -5.36 -8.93
N VAL A 100 -3.84 -5.87 -7.90
CA VAL A 100 -2.42 -6.24 -8.00
C VAL A 100 -2.15 -7.25 -9.11
N ARG A 101 -2.98 -8.29 -9.20
CA ARG A 101 -2.80 -9.28 -10.26
C ARG A 101 -3.17 -8.71 -11.63
N VAL A 102 -4.16 -7.81 -11.65
CA VAL A 102 -4.55 -7.18 -12.89
C VAL A 102 -3.36 -6.35 -13.38
N PHE A 103 -2.71 -5.64 -12.47
CA PHE A 103 -1.54 -4.83 -12.80
C PHE A 103 -0.46 -5.72 -13.43
N ARG A 104 -0.23 -6.89 -12.83
CA ARG A 104 0.76 -7.83 -13.36
C ARG A 104 0.40 -8.18 -14.81
N LEU A 105 -0.88 -8.45 -15.06
CA LEU A 105 -1.34 -8.80 -16.40
C LEU A 105 -1.38 -7.61 -17.37
N LEU A 106 -1.07 -6.42 -16.88
CA LEU A 106 -1.03 -5.21 -17.71
C LEU A 106 0.40 -4.94 -18.15
N GLY A 107 1.35 -5.65 -17.53
CA GLY A 107 2.74 -5.46 -17.85
C GLY A 107 3.50 -4.75 -16.74
N VAL A 108 2.81 -4.46 -15.64
CA VAL A 108 3.44 -3.79 -14.50
C VAL A 108 4.49 -4.71 -13.86
N GLU A 109 5.62 -4.13 -13.48
CA GLU A 109 6.71 -4.88 -12.89
C GLU A 109 7.05 -4.45 -11.46
N THR A 110 6.71 -3.21 -11.12
CA THR A 110 6.99 -2.69 -9.78
C THR A 110 5.73 -2.14 -9.11
N LEU A 111 5.59 -2.41 -7.82
CA LEU A 111 4.46 -1.94 -7.04
C LEU A 111 4.93 -1.15 -5.83
N VAL A 112 4.42 0.06 -5.72
CA VAL A 112 4.73 0.96 -4.61
C VAL A 112 3.46 1.02 -3.77
N VAL A 113 3.58 0.68 -2.49
CA VAL A 113 2.43 0.73 -1.59
C VAL A 113 2.67 1.80 -0.54
N THR A 114 1.61 2.53 -0.21
CA THR A 114 1.68 3.58 0.78
C THR A 114 0.47 3.43 1.68
N ASN A 115 0.59 3.91 2.92
CA ASN A 115 -0.52 3.82 3.85
C ASN A 115 -0.31 4.78 5.00
N ALA A 116 -1.37 5.00 5.77
CA ALA A 116 -1.31 5.84 6.95
C ALA A 116 -1.11 4.84 8.08
N ALA A 117 -0.27 5.15 9.07
CA ALA A 117 -0.05 4.18 10.15
C ALA A 117 0.19 4.81 11.52
N GLY A 118 -0.15 4.05 12.55
CA GLY A 118 0.07 4.51 13.90
C GLY A 118 1.48 4.11 14.31
N GLY A 119 2.21 5.02 14.93
CA GLY A 119 3.56 4.73 15.35
C GLY A 119 3.64 3.94 16.64
N LEU A 120 4.37 2.84 16.60
CA LEU A 120 4.57 1.98 17.77
C LEU A 120 5.95 2.28 18.34
N ASN A 121 6.91 2.51 17.45
CA ASN A 121 8.27 2.84 17.87
C ASN A 121 8.17 4.22 18.50
N PRO A 122 8.60 4.36 19.76
CA PRO A 122 8.54 5.65 20.46
C PRO A 122 9.34 6.79 19.79
N ASN A 123 10.35 6.44 19.01
CA ASN A 123 11.20 7.42 18.31
C ASN A 123 10.49 8.09 17.13
N PHE A 124 9.36 7.53 16.70
CA PHE A 124 8.63 8.10 15.59
C PHE A 124 7.83 9.30 16.07
N GLU A 125 7.57 10.23 15.18
CA GLU A 125 6.79 11.42 15.51
C GLU A 125 5.78 11.52 14.40
N VAL A 126 4.69 12.24 14.64
CA VAL A 126 3.67 12.42 13.63
C VAL A 126 4.30 13.20 12.49
N GLY A 127 4.07 12.72 11.27
CA GLY A 127 4.64 13.38 10.11
C GLY A 127 5.85 12.60 9.61
N ASP A 128 6.27 11.60 10.36
CA ASP A 128 7.41 10.77 9.98
C ASP A 128 7.04 9.90 8.79
N ILE A 129 8.02 9.58 7.97
CA ILE A 129 7.81 8.70 6.84
C ILE A 129 8.64 7.46 7.17
N MET A 130 8.00 6.30 7.24
CA MET A 130 8.70 5.08 7.55
C MET A 130 8.75 4.15 6.35
N LEU A 131 9.96 3.91 5.86
CA LEU A 131 10.18 3.01 4.74
C LEU A 131 9.89 1.61 5.32
N ILE A 132 9.03 0.85 4.67
CA ILE A 132 8.70 -0.49 5.16
C ILE A 132 9.79 -1.49 4.79
N ARG A 133 10.52 -1.95 5.81
CA ARG A 133 11.59 -2.90 5.62
C ARG A 133 11.09 -4.35 5.73
N ASP A 134 10.03 -4.55 6.52
CA ASP A 134 9.51 -5.89 6.74
C ASP A 134 8.10 -5.77 7.30
N HIS A 135 7.37 -6.88 7.34
CA HIS A 135 6.01 -6.86 7.90
C HIS A 135 5.71 -8.06 8.76
N ILE A 136 4.62 -7.94 9.51
CA ILE A 136 4.11 -9.00 10.36
C ILE A 136 2.63 -9.09 9.97
N ASN A 137 2.25 -10.22 9.40
CA ASN A 137 0.89 -10.43 8.93
C ASN A 137 0.08 -11.21 9.97
N LEU A 138 -0.55 -10.50 10.90
CA LEU A 138 -1.35 -11.16 11.91
C LEU A 138 -2.52 -11.97 11.33
N PRO A 139 -3.30 -11.39 10.40
CA PRO A 139 -4.40 -12.18 9.84
C PRO A 139 -3.86 -13.48 9.21
N GLY A 140 -2.65 -13.39 8.63
CA GLY A 140 -2.04 -14.56 8.01
C GLY A 140 -1.77 -15.69 8.98
N PHE A 141 -1.49 -15.35 10.23
CA PHE A 141 -1.23 -16.36 11.24
C PHE A 141 -2.45 -17.28 11.39
N SER A 142 -3.65 -16.72 11.22
CA SER A 142 -4.89 -17.47 11.35
C SER A 142 -5.36 -18.12 10.04
N GLY A 143 -4.65 -17.86 8.96
CA GLY A 143 -5.04 -18.43 7.69
C GLY A 143 -5.74 -17.48 6.74
N GLU A 144 -6.10 -16.29 7.20
CA GLU A 144 -6.74 -15.27 6.35
C GLU A 144 -5.64 -14.77 5.42
N ASN A 145 -5.56 -15.32 4.22
CA ASN A 145 -4.49 -14.98 3.29
C ASN A 145 -5.05 -14.95 1.89
N PRO A 146 -4.66 -13.94 1.08
CA PRO A 146 -5.15 -13.82 -0.30
C PRO A 146 -4.78 -15.00 -1.20
N LEU A 147 -3.77 -15.76 -0.77
CA LEU A 147 -3.31 -16.92 -1.52
C LEU A 147 -4.00 -18.20 -1.08
N ARG A 148 -4.86 -18.13 -0.07
CA ARG A 148 -5.56 -19.32 0.41
C ARG A 148 -6.43 -19.94 -0.69
N GLY A 149 -6.37 -21.26 -0.81
CA GLY A 149 -7.14 -21.95 -1.83
C GLY A 149 -6.21 -22.51 -2.89
N PRO A 150 -6.74 -23.09 -3.98
CA PRO A 150 -5.91 -23.65 -5.05
C PRO A 150 -4.99 -22.57 -5.58
N ASN A 151 -3.74 -22.94 -5.81
CA ASN A 151 -2.73 -22.01 -6.33
C ASN A 151 -2.76 -21.89 -7.85
N GLU A 152 -2.73 -20.65 -8.33
CA GLU A 152 -2.71 -20.38 -9.76
C GLU A 152 -1.25 -20.26 -10.14
N GLU A 153 -0.71 -21.32 -10.75
CA GLU A 153 0.69 -21.36 -11.15
C GLU A 153 1.04 -20.37 -12.27
N ARG A 154 0.01 -19.80 -12.92
CA ARG A 154 0.22 -18.84 -14.01
C ARG A 154 0.53 -17.49 -13.39
N PHE A 155 0.39 -17.41 -12.06
CA PHE A 155 0.70 -16.21 -11.30
C PHE A 155 1.98 -16.44 -10.50
N GLY A 156 2.06 -17.59 -9.82
CA GLY A 156 3.23 -17.89 -9.02
C GLY A 156 3.21 -19.27 -8.38
N VAL A 157 4.16 -19.51 -7.49
CA VAL A 157 4.28 -20.80 -6.82
C VAL A 157 3.36 -21.00 -5.61
N ARG A 158 3.22 -22.26 -5.20
CA ARG A 158 2.38 -22.63 -4.07
C ARG A 158 2.84 -22.04 -2.73
N PHE A 159 4.15 -22.09 -2.48
CA PHE A 159 4.71 -21.60 -1.23
C PHE A 159 5.72 -20.49 -1.48
N PRO A 160 5.24 -19.26 -1.76
CA PRO A 160 6.14 -18.14 -2.02
C PRO A 160 6.88 -17.63 -0.78
N ALA A 161 8.14 -17.22 -0.97
CA ALA A 161 8.95 -16.69 0.13
C ALA A 161 8.56 -15.22 0.34
N MET A 162 8.60 -14.76 1.58
CA MET A 162 8.25 -13.38 1.92
C MET A 162 9.37 -12.64 2.64
N SER A 163 10.40 -13.37 3.07
CA SER A 163 11.53 -12.75 3.78
C SER A 163 12.22 -11.64 2.97
N ASP A 164 12.11 -11.67 1.64
CA ASP A 164 12.72 -10.66 0.78
C ASP A 164 11.67 -9.78 0.09
N ALA A 165 10.48 -9.71 0.71
CA ALA A 165 9.36 -8.95 0.17
C ALA A 165 9.65 -7.53 -0.27
N TYR A 166 10.31 -6.77 0.59
CA TYR A 166 10.62 -5.38 0.25
C TYR A 166 11.99 -5.25 -0.38
N ASP A 167 12.02 -4.93 -1.68
CA ASP A 167 13.25 -4.80 -2.46
C ASP A 167 14.36 -4.00 -1.79
N ARG A 168 15.49 -4.67 -1.58
CA ARG A 168 16.65 -4.07 -0.92
C ARG A 168 17.21 -2.89 -1.71
N ASP A 169 17.34 -3.05 -3.02
CA ASP A 169 17.87 -1.97 -3.85
C ASP A 169 17.01 -0.70 -3.77
N MET A 170 15.69 -0.86 -3.84
CA MET A 170 14.79 0.29 -3.79
C MET A 170 14.86 1.03 -2.47
N ARG A 171 15.01 0.31 -1.36
CA ARG A 171 15.06 0.96 -0.06
C ARG A 171 16.35 1.81 0.03
N GLN A 172 17.43 1.31 -0.59
CA GLN A 172 18.72 2.01 -0.60
C GLN A 172 18.54 3.29 -1.41
N LYS A 173 17.95 3.15 -2.59
CA LYS A 173 17.70 4.28 -3.46
C LYS A 173 16.77 5.27 -2.76
N ALA A 174 15.81 4.74 -2.00
CA ALA A 174 14.87 5.56 -1.26
C ALA A 174 15.62 6.46 -0.29
N HIS A 175 16.58 5.88 0.43
CA HIS A 175 17.36 6.65 1.38
C HIS A 175 18.22 7.71 0.68
N SER A 176 18.80 7.34 -0.45
CA SER A 176 19.62 8.27 -1.23
C SER A 176 18.75 9.44 -1.69
N THR A 177 17.58 9.14 -2.23
CA THR A 177 16.65 10.16 -2.69
C THR A 177 16.27 11.11 -1.56
N TRP A 178 16.03 10.55 -0.38
CA TRP A 178 15.66 11.35 0.77
C TRP A 178 16.78 12.36 1.06
N LYS A 179 18.03 11.91 0.98
CA LYS A 179 19.17 12.80 1.24
C LYS A 179 19.24 13.92 0.21
N GLN A 180 18.96 13.60 -1.05
CA GLN A 180 18.98 14.60 -2.11
C GLN A 180 17.90 15.65 -1.84
N MET A 181 16.82 15.23 -1.18
CA MET A 181 15.73 16.14 -0.86
C MET A 181 16.10 17.16 0.22
N GLY A 182 17.21 16.92 0.90
CA GLY A 182 17.65 17.83 1.95
C GLY A 182 16.64 17.92 3.08
N GLU A 183 16.01 16.80 3.41
CA GLU A 183 15.02 16.78 4.48
C GLU A 183 15.68 16.81 5.86
N GLN A 184 15.07 17.57 6.76
CA GLN A 184 15.59 17.70 8.12
C GLN A 184 15.45 16.39 8.89
N ARG A 185 14.22 15.91 8.99
CA ARG A 185 13.94 14.68 9.70
C ARG A 185 14.44 13.47 8.89
N GLU A 186 15.10 12.55 9.56
CA GLU A 186 15.63 11.34 8.93
C GLU A 186 14.51 10.47 8.41
N LEU A 187 14.76 9.77 7.31
CA LEU A 187 13.78 8.86 6.73
C LEU A 187 13.74 7.67 7.68
N GLN A 188 12.59 7.43 8.31
CA GLN A 188 12.47 6.32 9.23
C GLN A 188 12.40 5.00 8.48
N GLU A 189 12.49 3.91 9.21
CA GLU A 189 12.44 2.60 8.60
C GLU A 189 12.03 1.56 9.66
N GLY A 190 11.33 0.50 9.24
CA GLY A 190 10.94 -0.50 10.21
C GLY A 190 9.97 -1.56 9.74
N THR A 191 9.37 -2.25 10.71
CA THR A 191 8.42 -3.30 10.45
C THR A 191 6.99 -2.79 10.59
N TYR A 192 6.16 -3.13 9.61
CA TYR A 192 4.77 -2.76 9.62
C TYR A 192 3.93 -3.98 9.98
N VAL A 193 3.10 -3.86 11.02
CA VAL A 193 2.23 -4.98 11.41
C VAL A 193 0.80 -4.67 10.97
N MET A 194 0.15 -5.64 10.36
CA MET A 194 -1.22 -5.43 9.93
C MET A 194 -2.19 -6.21 10.81
N LEU A 195 -3.30 -5.57 11.16
CA LEU A 195 -4.38 -6.18 11.93
C LEU A 195 -5.69 -5.84 11.20
N GLY A 196 -6.77 -6.52 11.55
CA GLY A 196 -8.04 -6.31 10.85
C GLY A 196 -8.77 -4.99 10.95
N GLY A 197 -8.92 -4.46 12.17
CA GLY A 197 -9.66 -3.23 12.36
C GLY A 197 -11.14 -3.58 12.35
N PRO A 198 -12.04 -2.59 12.18
CA PRO A 198 -11.80 -1.16 11.99
C PRO A 198 -11.59 -0.31 13.26
N ASN A 199 -11.76 -0.91 14.43
CA ASN A 199 -11.56 -0.15 15.66
C ASN A 199 -10.07 0.10 15.87
N PHE A 200 -9.75 1.14 16.63
CA PHE A 200 -8.36 1.44 16.94
C PHE A 200 -7.94 0.61 18.15
N GLU A 201 -6.64 0.40 18.28
CA GLU A 201 -6.08 -0.44 19.33
C GLU A 201 -6.20 0.04 20.76
N THR A 202 -6.24 -0.91 21.68
CA THR A 202 -6.29 -0.60 23.09
C THR A 202 -4.82 -0.41 23.50
N VAL A 203 -4.60 0.09 24.71
CA VAL A 203 -3.25 0.29 25.20
C VAL A 203 -2.52 -1.05 25.33
N ALA A 204 -3.21 -2.07 25.86
CA ALA A 204 -2.63 -3.41 26.03
C ALA A 204 -2.23 -3.98 24.68
N GLU A 205 -3.10 -3.81 23.69
CA GLU A 205 -2.80 -4.31 22.37
C GLU A 205 -1.58 -3.59 21.80
N CYS A 206 -1.51 -2.28 21.98
CA CYS A 206 -0.35 -1.53 21.47
C CYS A 206 0.96 -2.02 22.06
N ARG A 207 0.99 -2.17 23.39
CA ARG A 207 2.20 -2.64 24.07
C ARG A 207 2.64 -3.99 23.51
N LEU A 208 1.66 -4.86 23.29
CA LEU A 208 1.86 -6.20 22.75
C LEU A 208 2.50 -6.11 21.36
N LEU A 209 1.90 -5.28 20.51
CA LEU A 209 2.36 -5.11 19.13
C LEU A 209 3.78 -4.59 19.03
N ARG A 210 4.12 -3.64 19.91
CA ARG A 210 5.47 -3.10 19.93
C ARG A 210 6.44 -4.18 20.37
N ASN A 211 6.04 -4.93 21.41
CA ASN A 211 6.83 -6.03 21.95
C ASN A 211 7.05 -7.14 20.93
N LEU A 212 6.16 -7.25 19.96
CA LEU A 212 6.29 -8.25 18.90
C LEU A 212 7.35 -7.79 17.91
N GLY A 213 7.84 -6.58 18.07
CA GLY A 213 8.85 -6.06 17.17
C GLY A 213 8.32 -5.19 16.04
N ALA A 214 7.10 -4.70 16.18
CA ALA A 214 6.48 -3.83 15.17
C ALA A 214 6.82 -2.35 15.38
N ASP A 215 7.03 -1.64 14.29
CA ASP A 215 7.35 -0.22 14.35
C ASP A 215 6.14 0.64 14.04
N ALA A 216 5.24 0.13 13.21
CA ALA A 216 4.02 0.85 12.85
C ALA A 216 2.89 -0.17 12.68
N VAL A 217 1.66 0.27 12.91
CA VAL A 217 0.49 -0.58 12.81
C VAL A 217 -0.60 0.02 11.91
N GLY A 218 -1.21 -0.85 11.10
CA GLY A 218 -2.26 -0.42 10.20
C GLY A 218 -3.18 -1.57 9.86
N MET A 219 -4.15 -1.29 9.00
CA MET A 219 -5.14 -2.27 8.61
C MET A 219 -5.13 -2.59 7.12
N SER A 220 -3.96 -2.49 6.47
CA SER A 220 -3.89 -2.74 5.04
C SER A 220 -2.50 -3.16 4.58
N THR A 221 -2.28 -2.98 3.28
CA THR A 221 -0.98 -3.21 2.64
C THR A 221 -0.40 -4.62 2.53
N VAL A 222 -0.18 -5.27 3.67
CA VAL A 222 0.38 -6.61 3.69
C VAL A 222 -0.22 -7.61 2.69
N PRO A 223 -1.56 -7.71 2.58
CA PRO A 223 -2.11 -8.67 1.61
C PRO A 223 -1.72 -8.37 0.15
N GLU A 224 -1.61 -7.08 -0.17
CA GLU A 224 -1.24 -6.64 -1.51
C GLU A 224 0.22 -7.02 -1.76
N VAL A 225 1.06 -6.85 -0.74
CA VAL A 225 2.47 -7.19 -0.87
C VAL A 225 2.67 -8.69 -1.11
N ILE A 226 1.92 -9.50 -0.37
CA ILE A 226 2.00 -10.95 -0.50
C ILE A 226 1.59 -11.39 -1.91
N VAL A 227 0.50 -10.80 -2.41
CA VAL A 227 0.03 -11.13 -3.75
C VAL A 227 1.01 -10.64 -4.81
N ALA A 228 1.58 -9.45 -4.59
CA ALA A 228 2.56 -8.89 -5.52
C ALA A 228 3.77 -9.81 -5.63
N ARG A 229 4.32 -10.19 -4.48
CA ARG A 229 5.49 -11.07 -4.43
C ARG A 229 5.20 -12.42 -5.06
N HIS A 230 3.98 -12.92 -4.85
CA HIS A 230 3.58 -14.21 -5.41
C HIS A 230 3.64 -14.16 -6.94
N CYS A 231 3.23 -13.04 -7.55
CA CYS A 231 3.26 -12.94 -8.99
C CYS A 231 4.52 -12.32 -9.58
N GLY A 232 5.54 -12.17 -8.74
CA GLY A 232 6.81 -11.65 -9.19
C GLY A 232 7.07 -10.15 -9.27
N LEU A 233 6.20 -9.34 -8.68
CA LEU A 233 6.38 -7.90 -8.71
C LEU A 233 7.42 -7.42 -7.70
N ARG A 234 8.21 -6.44 -8.10
CA ARG A 234 9.20 -5.81 -7.25
C ARG A 234 8.34 -4.91 -6.36
N VAL A 235 8.57 -4.94 -5.06
CA VAL A 235 7.75 -4.18 -4.15
C VAL A 235 8.54 -3.31 -3.19
N PHE A 236 8.00 -2.14 -2.90
CA PHE A 236 8.57 -1.25 -1.92
C PHE A 236 7.48 -0.27 -1.50
N GLY A 237 7.58 0.23 -0.28
CA GLY A 237 6.57 1.16 0.15
C GLY A 237 6.90 1.82 1.46
N PHE A 238 5.96 2.61 1.96
CA PHE A 238 6.16 3.31 3.21
C PHE A 238 4.86 3.70 3.91
N SER A 239 5.00 3.94 5.21
CA SER A 239 3.89 4.33 6.06
C SER A 239 4.09 5.78 6.47
N LEU A 240 3.00 6.54 6.43
CA LEU A 240 3.01 7.92 6.87
C LEU A 240 2.55 7.78 8.32
N ILE A 241 3.42 8.12 9.26
CA ILE A 241 3.04 8.02 10.67
C ILE A 241 2.07 9.16 10.92
N THR A 242 0.78 8.83 10.96
CA THR A 242 -0.24 9.83 11.17
C THR A 242 -0.60 10.08 12.63
N ASN A 243 -0.11 9.22 13.52
CA ASN A 243 -0.41 9.38 14.92
C ASN A 243 0.45 8.50 15.80
N LYS A 244 0.64 8.93 17.05
CA LYS A 244 1.41 8.19 18.02
C LYS A 244 0.37 7.41 18.80
N VAL A 245 0.48 6.09 18.78
CA VAL A 245 -0.51 5.26 19.48
C VAL A 245 -0.38 5.35 21.00
N ILE A 246 -1.53 5.44 21.67
CA ILE A 246 -1.56 5.55 23.14
C ILE A 246 -0.93 4.29 23.73
N MET A 247 0.24 4.47 24.35
CA MET A 247 0.95 3.34 24.93
C MET A 247 0.75 3.19 26.46
N ASP A 248 0.03 4.14 27.05
CA ASP A 248 -0.21 4.08 28.49
C ASP A 248 -1.69 4.35 28.79
N THR A 249 -2.25 3.50 29.65
CA THR A 249 -3.67 3.58 30.03
C THR A 249 -4.12 4.95 30.54
N GLU A 250 -5.14 5.51 29.87
CA GLU A 250 -5.73 6.80 30.21
C GLU A 250 -4.85 8.04 30.00
N SER A 251 -3.84 7.91 29.16
CA SER A 251 -2.95 9.03 28.87
C SER A 251 -3.64 10.00 27.91
N GLN A 252 -4.56 10.78 28.46
CA GLN A 252 -5.35 11.81 27.74
C GLN A 252 -5.33 11.79 26.22
N GLY A 253 -5.99 10.80 25.63
CA GLY A 253 -6.02 10.74 24.18
C GLY A 253 -6.61 9.46 23.61
N LYS A 254 -6.95 9.52 22.33
CA LYS A 254 -7.52 8.41 21.58
C LYS A 254 -7.44 8.71 20.08
N ALA A 255 -7.08 7.70 19.30
CA ALA A 255 -6.96 7.85 17.85
C ALA A 255 -8.29 8.13 17.15
N ASN A 256 -8.20 8.77 15.99
CA ASN A 256 -9.39 9.08 15.20
C ASN A 256 -9.01 9.23 13.72
N HIS A 257 -9.90 8.81 12.83
CA HIS A 257 -9.66 8.88 11.39
C HIS A 257 -9.45 10.32 10.91
N GLU A 258 -10.00 11.28 11.66
CA GLU A 258 -9.88 12.68 11.32
C GLU A 258 -8.44 13.15 11.40
N GLU A 259 -7.77 12.88 12.52
CA GLU A 259 -6.38 13.26 12.70
C GLU A 259 -5.53 12.53 11.65
N VAL A 260 -5.94 11.32 11.32
CA VAL A 260 -5.24 10.51 10.32
C VAL A 260 -5.26 11.25 8.98
N LEU A 261 -6.45 11.62 8.53
CA LEU A 261 -6.62 12.33 7.27
C LEU A 261 -5.97 13.71 7.29
N GLU A 262 -6.16 14.43 8.39
CA GLU A 262 -5.59 15.76 8.56
C GLU A 262 -4.07 15.71 8.47
N ALA A 263 -3.48 14.65 9.01
CA ALA A 263 -2.02 14.48 8.98
C ALA A 263 -1.54 14.23 7.56
N GLY A 264 -2.33 13.48 6.80
CA GLY A 264 -1.99 13.19 5.42
C GLY A 264 -1.81 14.43 4.57
N LYS A 265 -2.41 15.53 4.98
CA LYS A 265 -2.32 16.80 4.26
C LYS A 265 -1.01 17.54 4.51
N GLN A 266 -0.58 17.59 5.76
CA GLN A 266 0.65 18.28 6.09
C GLN A 266 1.84 17.56 5.45
N ALA A 267 1.83 16.23 5.51
CA ALA A 267 2.91 15.43 4.94
C ALA A 267 2.65 15.01 3.49
N ALA A 268 1.58 15.56 2.90
CA ALA A 268 1.21 15.26 1.52
C ALA A 268 2.32 15.68 0.58
N GLN A 269 2.59 16.98 0.53
CA GLN A 269 3.64 17.50 -0.33
C GLN A 269 4.93 16.73 -0.14
N LYS A 270 5.25 16.41 1.11
CA LYS A 270 6.45 15.67 1.48
C LYS A 270 6.59 14.35 0.71
N LEU A 271 5.71 13.39 1.02
CA LEU A 271 5.75 12.10 0.36
C LEU A 271 5.40 12.15 -1.12
N GLU A 272 4.70 13.19 -1.54
CA GLU A 272 4.33 13.37 -2.94
C GLU A 272 5.60 13.63 -3.77
N GLN A 273 6.44 14.53 -3.27
CA GLN A 273 7.71 14.86 -3.93
C GLN A 273 8.58 13.62 -3.92
N PHE A 274 8.64 12.98 -2.76
CA PHE A 274 9.42 11.77 -2.55
C PHE A 274 9.08 10.68 -3.58
N VAL A 275 7.80 10.38 -3.74
CA VAL A 275 7.36 9.35 -4.67
C VAL A 275 7.68 9.71 -6.11
N SER A 276 7.47 10.96 -6.47
CA SER A 276 7.74 11.43 -7.82
C SER A 276 9.22 11.22 -8.15
N LEU A 277 10.10 11.56 -7.20
CA LEU A 277 11.53 11.40 -7.38
C LEU A 277 11.93 9.93 -7.47
N LEU A 278 11.28 9.08 -6.67
CA LEU A 278 11.57 7.66 -6.67
C LEU A 278 11.30 7.02 -8.03
N MET A 279 10.44 7.64 -8.84
CA MET A 279 10.10 7.12 -10.17
C MET A 279 11.37 6.94 -10.97
N ALA A 280 12.27 7.91 -10.85
CA ALA A 280 13.54 7.89 -11.56
C ALA A 280 14.44 6.71 -11.13
N SER A 281 14.34 6.32 -9.87
CA SER A 281 15.15 5.22 -9.34
C SER A 281 14.61 3.83 -9.67
N ILE A 282 13.31 3.75 -9.92
CA ILE A 282 12.71 2.47 -10.25
C ILE A 282 13.32 1.99 -11.55
N PRO A 283 13.93 0.80 -11.56
CA PRO A 283 14.56 0.28 -12.77
C PRO A 283 13.63 -0.10 -13.94
N VAL A 284 14.28 -0.44 -15.05
CA VAL A 284 13.70 -0.83 -16.34
C VAL A 284 13.58 0.41 -17.25
P PO4 B . -4.68 2.88 4.77
O1 PO4 B . -5.77 3.58 5.65
O2 PO4 B . -3.54 3.95 4.41
O3 PO4 B . -4.06 1.64 5.51
O4 PO4 B . -5.40 2.40 3.41
#